data_2IFT
#
_entry.id   2IFT
#
_cell.length_a   71.337
_cell.length_b   57.873
_cell.length_c   47.522
_cell.angle_alpha   90.00
_cell.angle_beta   107.36
_cell.angle_gamma   90.00
#
_symmetry.space_group_name_H-M   'P 1 21 1'
#
loop_
_entity.id
_entity.type
_entity.pdbx_description
1 polymer 'Putative methylase HI0767'
2 water water
#
_entity_poly.entity_id   1
_entity_poly.type   'polypeptide(L)'
_entity_poly.pdbx_seq_one_letter_code
;(MSE)KKIQTPNAKGEVRIIAGLWRGRKLPVLNSEGLRPTGDRVKETLFNWL(MSE)PYIHQSECLDGFAGSGSLGFEAL
SRQAKKVTFLELDKTVANQLKKNLQTLKCSSEQAEVINQSSLDFLKQPQNQPHFDVVFLDPPFHFNLAEQAISLLCENNW
LKPNALIYVETEKDKPLITPENWTLLKEKTTGIVSYRLYQNLEHHHHHH
;
_entity_poly.pdbx_strand_id   A,B
#
# COMPACT_ATOMS: atom_id res chain seq x y z
N GLY A 11 -27.34 13.08 -3.22
CA GLY A 11 -26.77 12.21 -4.30
C GLY A 11 -27.03 10.73 -4.05
N GLU A 12 -27.16 9.97 -5.14
CA GLU A 12 -27.41 8.53 -5.02
C GLU A 12 -26.95 7.77 -6.26
N VAL A 13 -26.44 6.55 -6.05
CA VAL A 13 -25.97 5.71 -7.14
C VAL A 13 -26.89 4.50 -7.29
N ARG A 14 -27.38 4.29 -8.51
CA ARG A 14 -28.26 3.17 -8.79
C ARG A 14 -27.51 2.15 -9.63
N ILE A 15 -27.42 0.92 -9.10
CA ILE A 15 -26.74 -0.18 -9.76
C ILE A 15 -27.59 -0.65 -10.93
N ILE A 16 -26.99 -0.69 -12.12
CA ILE A 16 -27.70 -1.09 -13.34
C ILE A 16 -27.78 -2.59 -13.61
N ALA A 17 -26.76 -3.35 -13.22
CA ALA A 17 -26.79 -4.78 -13.48
C ALA A 17 -26.26 -5.62 -12.33
N GLY A 18 -26.39 -6.93 -12.47
CA GLY A 18 -25.92 -7.83 -11.43
C GLY A 18 -27.00 -8.08 -10.39
N LEU A 19 -26.59 -8.70 -9.28
CA LEU A 19 -27.47 -9.04 -8.18
C LEU A 19 -28.15 -7.84 -7.54
N TRP A 20 -27.45 -6.71 -7.49
CA TRP A 20 -28.00 -5.53 -6.85
C TRP A 20 -28.55 -4.51 -7.82
N ARG A 21 -28.82 -4.93 -9.05
CA ARG A 21 -29.37 -4.00 -10.01
C ARG A 21 -30.66 -3.39 -9.50
N GLY A 22 -30.79 -2.08 -9.64
CA GLY A 22 -31.97 -1.38 -9.18
C GLY A 22 -31.71 -0.65 -7.88
N ARG A 23 -30.86 -1.21 -7.04
CA ARG A 23 -30.57 -0.57 -5.77
C ARG A 23 -29.91 0.80 -5.93
N LYS A 24 -30.27 1.71 -5.04
CA LYS A 24 -29.71 3.05 -5.03
C LYS A 24 -28.91 3.15 -3.75
N LEU A 25 -27.71 3.73 -3.87
CA LEU A 25 -26.84 3.88 -2.71
C LEU A 25 -26.63 5.34 -2.41
N PRO A 26 -26.80 5.72 -1.13
CA PRO A 26 -26.59 7.12 -0.75
C PRO A 26 -25.15 7.55 -0.97
N VAL A 27 -24.95 8.76 -1.48
CA VAL A 27 -23.62 9.29 -1.73
C VAL A 27 -23.59 10.80 -1.52
N LEU A 28 -22.40 11.38 -1.52
CA LEU A 28 -22.23 12.81 -1.32
C LEU A 28 -22.17 13.55 -2.65
N ASP A 38 -22.65 4.58 -19.80
CA ASP A 38 -22.13 4.79 -21.15
C ASP A 38 -21.87 3.47 -21.88
N ARG A 39 -21.61 3.58 -23.17
CA ARG A 39 -21.37 2.41 -24.02
C ARG A 39 -20.11 1.62 -23.68
N VAL A 40 -18.96 2.29 -23.62
CA VAL A 40 -17.69 1.62 -23.32
C VAL A 40 -17.81 0.77 -22.06
N LYS A 41 -18.50 1.31 -21.06
CA LYS A 41 -18.70 0.64 -19.79
C LYS A 41 -19.33 -0.73 -19.99
N GLU A 42 -20.38 -0.76 -20.79
CA GLU A 42 -21.11 -1.98 -21.11
C GLU A 42 -20.25 -3.01 -21.83
N THR A 43 -19.55 -2.58 -22.88
CA THR A 43 -18.71 -3.51 -23.62
C THR A 43 -17.60 -4.10 -22.77
N LEU A 44 -17.16 -3.37 -21.76
CA LEU A 44 -16.13 -3.89 -20.87
C LEU A 44 -16.75 -5.06 -20.10
N PHE A 45 -17.85 -4.79 -19.41
CA PHE A 45 -18.51 -5.83 -18.62
C PHE A 45 -18.91 -6.99 -19.52
N ASN A 46 -19.26 -6.69 -20.75
CA ASN A 46 -19.63 -7.73 -21.69
C ASN A 46 -18.45 -8.68 -21.86
N TRP A 47 -17.30 -8.15 -22.26
CA TRP A 47 -16.12 -9.00 -22.44
C TRP A 47 -15.64 -9.65 -21.13
N LEU A 48 -16.10 -9.11 -20.00
CA LEU A 48 -15.70 -9.64 -18.70
C LEU A 48 -16.54 -10.78 -18.17
N PRO A 50 -17.47 -13.63 -18.86
CA PRO A 50 -16.87 -14.97 -18.82
C PRO A 50 -15.77 -15.13 -17.76
N TYR A 51 -15.13 -14.03 -17.38
CA TYR A 51 -14.04 -14.08 -16.41
C TYR A 51 -14.30 -13.36 -15.09
N ILE A 52 -15.22 -12.41 -15.12
CA ILE A 52 -15.56 -11.61 -13.94
C ILE A 52 -15.55 -12.35 -12.60
N HIS A 53 -16.13 -13.54 -12.57
CA HIS A 53 -16.21 -14.32 -11.32
C HIS A 53 -14.90 -14.53 -10.59
N GLN A 54 -13.79 -14.42 -11.32
CA GLN A 54 -12.48 -14.61 -10.71
C GLN A 54 -11.60 -13.40 -10.99
N SER A 55 -12.21 -12.25 -11.29
CA SER A 55 -11.42 -11.07 -11.58
C SER A 55 -11.32 -10.12 -10.41
N GLU A 56 -10.10 -9.63 -10.18
CA GLU A 56 -9.83 -8.69 -9.10
C GLU A 56 -9.72 -7.30 -9.71
N CYS A 57 -10.46 -6.36 -9.15
CA CYS A 57 -10.49 -5.00 -9.66
C CYS A 57 -9.92 -3.91 -8.76
N LEU A 58 -9.56 -2.82 -9.43
CA LEU A 58 -9.06 -1.63 -8.78
C LEU A 58 -9.89 -0.46 -9.30
N ASP A 59 -10.54 0.26 -8.39
CA ASP A 59 -11.30 1.43 -8.78
C ASP A 59 -10.35 2.49 -8.26
N GLY A 60 -9.51 2.97 -9.18
CA GLY A 60 -8.46 3.93 -8.87
C GLY A 60 -8.79 5.19 -8.12
N PHE A 61 -9.87 5.84 -8.51
CA PHE A 61 -10.30 7.08 -7.88
C PHE A 61 -11.80 6.88 -7.63
N ALA A 62 -12.11 6.03 -6.66
CA ALA A 62 -13.47 5.67 -6.30
C ALA A 62 -14.56 6.73 -6.35
N GLY A 63 -14.52 7.70 -5.45
CA GLY A 63 -15.56 8.72 -5.44
C GLY A 63 -16.85 8.03 -5.00
N SER A 64 -17.88 8.09 -5.82
CA SER A 64 -19.17 7.44 -5.51
C SER A 64 -18.98 5.94 -5.36
N GLY A 65 -18.07 5.37 -6.14
CA GLY A 65 -17.83 3.93 -6.10
C GLY A 65 -18.67 3.22 -7.15
N SER A 66 -19.48 3.98 -7.89
CA SER A 66 -20.35 3.43 -8.92
C SER A 66 -19.70 2.30 -9.74
N LEU A 67 -18.54 2.56 -10.32
CA LEU A 67 -17.85 1.54 -11.12
C LEU A 67 -17.56 0.28 -10.30
N GLY A 68 -16.95 0.46 -9.14
CA GLY A 68 -16.60 -0.66 -8.28
C GLY A 68 -17.79 -1.44 -7.77
N PHE A 69 -18.82 -0.73 -7.33
CA PHE A 69 -20.02 -1.41 -6.84
C PHE A 69 -20.62 -2.20 -7.99
N GLU A 70 -20.61 -1.62 -9.18
CA GLU A 70 -21.15 -2.29 -10.35
C GLU A 70 -20.42 -3.61 -10.51
N ALA A 71 -19.09 -3.57 -10.45
CA ALA A 71 -18.28 -4.77 -10.57
C ALA A 71 -18.65 -5.77 -9.49
N LEU A 72 -18.87 -5.28 -8.28
CA LEU A 72 -19.27 -6.14 -7.18
C LEU A 72 -20.61 -6.79 -7.50
N SER A 73 -21.57 -5.98 -7.90
CA SER A 73 -22.90 -6.51 -8.22
C SER A 73 -22.78 -7.66 -9.22
N ARG A 74 -21.81 -7.57 -10.12
CA ARG A 74 -21.63 -8.61 -11.13
C ARG A 74 -20.74 -9.76 -10.67
N GLN A 75 -20.52 -9.84 -9.36
CA GLN A 75 -19.72 -10.90 -8.78
C GLN A 75 -18.26 -10.95 -9.16
N ALA A 76 -17.58 -9.81 -9.15
CA ALA A 76 -16.16 -9.79 -9.44
C ALA A 76 -15.55 -10.51 -8.25
N LYS A 77 -14.39 -11.13 -8.42
CA LYS A 77 -13.80 -11.82 -7.29
C LYS A 77 -13.51 -10.81 -6.19
N LYS A 78 -12.96 -9.67 -6.58
CA LYS A 78 -12.64 -8.64 -5.61
C LYS A 78 -12.50 -7.26 -6.21
N VAL A 79 -12.91 -6.26 -5.44
CA VAL A 79 -12.79 -4.87 -5.84
C VAL A 79 -12.11 -4.13 -4.70
N THR A 80 -11.09 -3.35 -5.05
CA THR A 80 -10.36 -2.55 -4.10
C THR A 80 -10.65 -1.11 -4.49
N PHE A 81 -11.09 -0.31 -3.53
CA PHE A 81 -11.40 1.09 -3.78
C PHE A 81 -10.32 2.00 -3.19
N LEU A 82 -9.75 2.86 -4.03
CA LEU A 82 -8.73 3.81 -3.60
C LEU A 82 -9.39 5.19 -3.53
N GLU A 83 -9.31 5.80 -2.35
CA GLU A 83 -9.94 7.11 -2.16
C GLU A 83 -9.19 7.96 -1.14
N LEU A 84 -8.71 9.12 -1.58
CA LEU A 84 -7.96 10.06 -0.75
C LEU A 84 -8.82 10.76 0.31
N ASP A 85 -9.96 11.28 -0.12
CA ASP A 85 -10.86 12.00 0.77
C ASP A 85 -11.46 11.03 1.77
N LYS A 86 -11.13 11.23 3.04
CA LYS A 86 -11.62 10.36 4.12
C LYS A 86 -13.13 10.38 4.22
N THR A 87 -13.74 11.52 3.95
CA THR A 87 -15.19 11.63 4.04
C THR A 87 -15.88 10.72 3.00
N VAL A 88 -15.33 10.68 1.80
CA VAL A 88 -15.89 9.85 0.75
C VAL A 88 -15.55 8.38 1.01
N ALA A 89 -14.35 8.15 1.55
CA ALA A 89 -13.90 6.80 1.85
C ALA A 89 -14.79 6.15 2.93
N ASN A 90 -15.27 6.94 3.88
CA ASN A 90 -16.15 6.40 4.93
C ASN A 90 -17.49 6.03 4.32
N GLN A 91 -17.96 6.87 3.41
CA GLN A 91 -19.24 6.60 2.75
C GLN A 91 -19.13 5.24 2.06
N LEU A 92 -18.05 5.02 1.31
CA LEU A 92 -17.85 3.75 0.63
C LEU A 92 -17.98 2.59 1.62
N LYS A 93 -17.24 2.68 2.72
CA LYS A 93 -17.29 1.63 3.72
C LYS A 93 -18.71 1.42 4.23
N LYS A 94 -19.42 2.53 4.42
CA LYS A 94 -20.78 2.46 4.89
C LYS A 94 -21.67 1.72 3.90
N ASN A 95 -21.47 1.96 2.61
CA ASN A 95 -22.26 1.27 1.61
C ASN A 95 -21.87 -0.20 1.50
N LEU A 96 -20.58 -0.49 1.65
CA LEU A 96 -20.11 -1.87 1.59
C LEU A 96 -20.54 -2.66 2.82
N GLN A 97 -20.98 -1.94 3.83
CA GLN A 97 -21.45 -2.59 5.03
C GLN A 97 -22.96 -2.65 4.83
N THR A 98 -23.49 -1.62 4.19
CA THR A 98 -24.91 -1.55 3.87
C THR A 98 -25.21 -2.80 3.08
N LEU A 99 -24.46 -3.03 2.01
CA LEU A 99 -24.62 -4.23 1.21
C LEU A 99 -23.49 -5.12 1.68
N LYS A 100 -23.84 -6.29 2.22
CA LYS A 100 -22.85 -7.23 2.74
C LYS A 100 -21.75 -7.66 1.79
N CYS A 101 -20.53 -7.32 2.16
CA CYS A 101 -19.34 -7.67 1.38
C CYS A 101 -18.23 -7.97 2.37
N SER A 102 -17.65 -9.15 2.26
CA SER A 102 -16.56 -9.54 3.14
C SER A 102 -15.34 -8.70 2.80
N SER A 103 -14.35 -8.71 3.68
CA SER A 103 -13.14 -7.94 3.42
C SER A 103 -12.36 -8.68 2.33
N GLU A 104 -12.84 -9.86 1.97
CA GLU A 104 -12.19 -10.65 0.93
C GLU A 104 -12.90 -10.42 -0.40
N GLN A 105 -13.95 -9.61 -0.36
CA GLN A 105 -14.72 -9.29 -1.56
C GLN A 105 -14.50 -7.82 -1.95
N ALA A 106 -14.48 -6.95 -0.95
CA ALA A 106 -14.28 -5.51 -1.20
C ALA A 106 -13.36 -4.90 -0.16
N GLU A 107 -12.48 -3.99 -0.59
CA GLU A 107 -11.55 -3.34 0.31
C GLU A 107 -11.42 -1.86 -0.01
N VAL A 108 -11.36 -1.04 1.03
CA VAL A 108 -11.21 0.41 0.87
C VAL A 108 -9.88 0.87 1.42
N ILE A 109 -9.04 1.45 0.56
CA ILE A 109 -7.74 1.95 0.97
C ILE A 109 -7.78 3.46 0.84
N ASN A 110 -7.65 4.15 1.97
CA ASN A 110 -7.70 5.61 2.00
C ASN A 110 -6.38 6.25 1.56
N GLN A 111 -6.16 6.28 0.26
CA GLN A 111 -4.97 6.88 -0.33
C GLN A 111 -5.27 7.32 -1.74
N SER A 112 -4.43 8.24 -2.23
CA SER A 112 -4.54 8.70 -3.59
C SER A 112 -3.84 7.61 -4.39
N SER A 113 -4.38 7.24 -5.53
CA SER A 113 -3.74 6.21 -6.34
C SER A 113 -2.40 6.69 -6.86
N LEU A 114 -2.23 7.99 -6.96
CA LEU A 114 -0.98 8.55 -7.45
C LEU A 114 0.19 8.16 -6.53
N ASP A 115 -0.09 7.94 -5.26
CA ASP A 115 0.98 7.57 -4.34
C ASP A 115 0.91 6.09 -4.00
N PHE A 116 -0.30 5.56 -3.85
CA PHE A 116 -0.48 4.14 -3.54
C PHE A 116 0.22 3.26 -4.58
N LEU A 117 0.04 3.60 -5.86
CA LEU A 117 0.61 2.85 -6.96
C LEU A 117 2.13 2.99 -7.14
N LYS A 118 2.79 3.81 -6.34
CA LYS A 118 4.24 3.98 -6.46
C LYS A 118 5.00 2.82 -5.80
N GLN A 119 4.27 2.01 -5.04
CA GLN A 119 4.86 0.87 -4.35
C GLN A 119 5.04 -0.34 -5.29
N PRO A 120 6.30 -0.69 -5.64
CA PRO A 120 6.61 -1.82 -6.53
C PRO A 120 6.05 -3.14 -6.02
N GLN A 121 5.21 -3.79 -6.81
CA GLN A 121 4.62 -5.05 -6.37
C GLN A 121 5.38 -6.30 -6.83
N ASN A 122 5.51 -7.28 -5.94
CA ASN A 122 6.20 -8.53 -6.27
C ASN A 122 5.34 -9.38 -7.16
N GLN A 123 4.02 -9.19 -7.05
CA GLN A 123 3.07 -9.98 -7.81
C GLN A 123 1.92 -9.08 -8.28
N PRO A 124 1.44 -9.27 -9.51
CA PRO A 124 0.33 -8.44 -10.02
C PRO A 124 -0.90 -8.57 -9.13
N HIS A 125 -1.76 -7.56 -9.11
CA HIS A 125 -2.96 -7.64 -8.27
C HIS A 125 -4.27 -7.49 -9.03
N PHE A 126 -4.24 -6.82 -10.17
CA PHE A 126 -5.50 -6.56 -10.87
C PHE A 126 -5.76 -7.07 -12.28
N ASP A 127 -6.97 -7.59 -12.45
CA ASP A 127 -7.48 -8.10 -13.72
C ASP A 127 -8.23 -6.98 -14.41
N VAL A 128 -8.78 -6.06 -13.62
CA VAL A 128 -9.51 -4.92 -14.16
C VAL A 128 -9.22 -3.62 -13.40
N VAL A 129 -9.05 -2.53 -14.15
CA VAL A 129 -8.76 -1.23 -13.54
C VAL A 129 -9.61 -0.10 -14.11
N PHE A 130 -10.19 0.69 -13.20
CA PHE A 130 -11.02 1.84 -13.55
C PHE A 130 -10.26 3.11 -13.16
N LEU A 131 -9.90 3.92 -14.15
CA LEU A 131 -9.20 5.17 -13.91
C LEU A 131 -10.02 6.35 -14.43
N ASP A 132 -10.74 7.03 -13.55
CA ASP A 132 -11.52 8.19 -13.95
C ASP A 132 -11.29 9.38 -13.01
N PRO A 133 -10.04 9.85 -12.93
CA PRO A 133 -9.73 10.99 -12.06
C PRO A 133 -10.08 12.31 -12.74
N PRO A 134 -10.02 13.42 -11.98
CA PRO A 134 -10.34 14.73 -12.54
C PRO A 134 -9.39 15.02 -13.70
N PHE A 135 -9.80 15.92 -14.58
CA PHE A 135 -9.01 16.27 -15.76
C PHE A 135 -8.02 17.41 -15.54
N HIS A 136 -7.32 17.75 -16.61
CA HIS A 136 -6.36 18.86 -16.62
C HIS A 136 -5.04 18.69 -15.87
N PHE A 137 -4.90 17.63 -15.08
CA PHE A 137 -3.66 17.43 -14.34
C PHE A 137 -2.88 16.17 -14.74
N ASN A 138 -3.11 15.68 -15.96
CA ASN A 138 -2.42 14.48 -16.44
C ASN A 138 -2.39 13.40 -15.36
N LEU A 139 -3.45 13.33 -14.57
CA LEU A 139 -3.53 12.35 -13.50
C LEU A 139 -3.73 10.92 -13.99
N ALA A 140 -4.61 10.73 -14.96
CA ALA A 140 -4.84 9.41 -15.51
C ALA A 140 -3.53 8.92 -16.14
N GLU A 141 -2.80 9.83 -16.77
CA GLU A 141 -1.52 9.48 -17.40
C GLU A 141 -0.52 9.03 -16.35
N GLN A 142 -0.44 9.76 -15.24
CA GLN A 142 0.47 9.40 -14.16
C GLN A 142 0.15 8.00 -13.62
N ALA A 143 -1.13 7.73 -13.41
CA ALA A 143 -1.57 6.43 -12.90
C ALA A 143 -1.20 5.31 -13.87
N ILE A 144 -1.42 5.55 -15.16
CA ILE A 144 -1.10 4.56 -16.18
C ILE A 144 0.35 4.16 -16.03
N SER A 145 1.22 5.17 -16.05
CA SER A 145 2.64 4.95 -15.92
C SER A 145 2.99 4.08 -14.72
N LEU A 146 2.39 4.40 -13.57
CA LEU A 146 2.68 3.64 -12.35
C LEU A 146 2.16 2.19 -12.44
N LEU A 147 0.97 1.98 -12.97
CA LEU A 147 0.44 0.63 -13.12
C LEU A 147 1.47 -0.22 -13.85
N CYS A 148 1.97 0.30 -14.96
CA CYS A 148 2.97 -0.39 -15.79
C CYS A 148 4.31 -0.53 -15.09
N GLU A 149 4.78 0.58 -14.56
CA GLU A 149 6.07 0.62 -13.89
C GLU A 149 6.19 -0.31 -12.70
N ASN A 150 5.16 -0.36 -11.88
CA ASN A 150 5.24 -1.17 -10.68
C ASN A 150 4.56 -2.52 -10.59
N ASN A 151 4.46 -3.23 -11.72
CA ASN A 151 3.96 -4.59 -11.73
C ASN A 151 2.60 -4.79 -11.07
N TRP A 152 1.63 -3.95 -11.39
CA TRP A 152 0.31 -4.04 -10.78
C TRP A 152 -0.69 -4.88 -11.56
N LEU A 153 -0.49 -4.89 -12.88
CA LEU A 153 -1.40 -5.57 -13.77
C LEU A 153 -1.10 -7.00 -14.10
N LYS A 154 -2.15 -7.79 -14.06
CA LYS A 154 -2.04 -9.20 -14.38
C LYS A 154 -2.21 -9.29 -15.89
N PRO A 155 -1.68 -10.34 -16.50
CA PRO A 155 -1.80 -10.48 -17.95
C PRO A 155 -3.23 -10.36 -18.47
N ASN A 156 -3.39 -9.64 -19.56
CA ASN A 156 -4.69 -9.45 -20.19
C ASN A 156 -5.66 -8.58 -19.42
N ALA A 157 -5.15 -7.86 -18.42
CA ALA A 157 -6.00 -6.97 -17.64
C ALA A 157 -6.54 -5.91 -18.57
N LEU A 158 -7.77 -5.49 -18.31
CA LEU A 158 -8.43 -4.44 -19.08
C LEU A 158 -8.32 -3.16 -18.28
N ILE A 159 -8.03 -2.06 -18.95
CA ILE A 159 -7.90 -0.78 -18.25
C ILE A 159 -8.87 0.21 -18.86
N TYR A 160 -9.78 0.68 -18.00
CA TYR A 160 -10.78 1.65 -18.40
C TYR A 160 -10.30 3.02 -18.00
N VAL A 161 -10.33 3.95 -18.95
CA VAL A 161 -9.87 5.30 -18.69
C VAL A 161 -10.81 6.33 -19.27
N GLU A 162 -11.07 7.36 -18.48
CA GLU A 162 -11.92 8.46 -18.90
C GLU A 162 -11.06 9.70 -18.82
N THR A 163 -10.97 10.42 -19.91
CA THR A 163 -10.13 11.61 -19.96
C THR A 163 -10.77 12.76 -20.72
N GLU A 164 -10.12 13.93 -20.69
CA GLU A 164 -10.61 15.10 -21.39
C GLU A 164 -10.67 14.81 -22.89
N LYS A 165 -11.81 15.14 -23.48
CA LYS A 165 -12.12 14.92 -24.89
C LYS A 165 -11.09 15.16 -25.99
N ASP A 166 -10.00 15.88 -25.76
CA ASP A 166 -9.19 16.13 -26.94
C ASP A 166 -7.88 15.51 -27.39
N LYS A 167 -6.80 15.55 -26.64
CA LYS A 167 -5.59 15.05 -27.29
C LYS A 167 -4.38 14.37 -26.65
N PRO A 168 -4.41 14.10 -25.34
CA PRO A 168 -3.30 13.47 -24.63
C PRO A 168 -2.81 12.02 -24.78
N LEU A 169 -3.69 11.06 -24.54
CA LEU A 169 -3.32 9.65 -24.49
C LEU A 169 -2.59 8.80 -25.51
N ILE A 170 -1.42 8.34 -25.08
CA ILE A 170 -0.61 7.46 -25.90
C ILE A 170 -0.61 6.12 -25.22
N THR A 171 -0.73 5.09 -26.04
CA THR A 171 -0.78 3.72 -25.59
C THR A 171 0.56 3.20 -25.07
N PRO A 172 0.64 2.91 -23.76
CA PRO A 172 1.90 2.39 -23.19
C PRO A 172 2.17 1.31 -24.23
N GLU A 173 3.42 1.03 -24.56
CA GLU A 173 3.64 0.04 -25.61
C GLU A 173 3.30 -1.43 -25.35
N ASN A 174 3.13 -1.83 -24.09
CA ASN A 174 2.79 -3.23 -23.81
C ASN A 174 1.26 -3.33 -23.69
N TRP A 175 0.59 -2.28 -24.16
CA TRP A 175 -0.87 -2.22 -24.13
C TRP A 175 -1.47 -2.10 -25.53
N THR A 176 -2.73 -2.48 -25.67
CA THR A 176 -3.40 -2.38 -26.97
C THR A 176 -4.69 -1.62 -26.69
N LEU A 177 -5.01 -0.66 -27.55
CA LEU A 177 -6.23 0.10 -27.39
C LEU A 177 -7.37 -0.67 -28.07
N LEU A 178 -8.33 -1.13 -27.28
CA LEU A 178 -9.46 -1.89 -27.81
C LEU A 178 -10.64 -1.03 -28.21
N LYS A 179 -10.97 -0.04 -27.40
CA LYS A 179 -12.10 0.85 -27.70
C LYS A 179 -11.79 2.27 -27.28
N GLU A 180 -12.35 3.22 -28.01
CA GLU A 180 -12.13 4.64 -27.75
C GLU A 180 -13.27 5.48 -28.33
N LYS A 181 -14.11 6.01 -27.46
CA LYS A 181 -15.22 6.83 -27.91
C LYS A 181 -15.15 8.20 -27.24
N THR A 182 -15.59 9.21 -27.97
CA THR A 182 -15.60 10.56 -27.42
C THR A 182 -17.00 11.12 -27.53
N THR A 183 -17.61 11.39 -26.37
CA THR A 183 -18.94 11.96 -26.35
C THR A 183 -18.89 13.21 -25.52
N GLY A 184 -19.10 14.35 -26.18
CA GLY A 184 -19.11 15.62 -25.50
C GLY A 184 -17.74 16.20 -25.21
N ILE A 185 -17.26 15.92 -24.01
CA ILE A 185 -15.97 16.42 -23.53
C ILE A 185 -15.12 15.29 -22.94
N VAL A 186 -15.69 14.09 -22.91
CA VAL A 186 -14.98 12.96 -22.34
C VAL A 186 -14.56 11.90 -23.33
N SER A 187 -13.30 11.49 -23.25
CA SER A 187 -12.77 10.43 -24.10
C SER A 187 -12.78 9.18 -23.24
N TYR A 188 -13.45 8.15 -23.70
CA TYR A 188 -13.53 6.89 -22.97
C TYR A 188 -12.68 5.87 -23.72
N ARG A 189 -11.79 5.20 -22.98
CA ARG A 189 -10.92 4.22 -23.61
C ARG A 189 -10.84 2.94 -22.82
N LEU A 190 -10.55 1.86 -23.54
CA LEU A 190 -10.40 0.56 -22.93
C LEU A 190 -9.11 -0.02 -23.51
N TYR A 191 -8.13 -0.28 -22.64
CA TYR A 191 -6.87 -0.86 -23.06
C TYR A 191 -6.74 -2.27 -22.50
N GLN A 192 -5.85 -3.06 -23.12
CA GLN A 192 -5.58 -4.40 -22.61
C GLN A 192 -4.08 -4.58 -22.40
N ASN A 193 -3.73 -5.11 -21.23
CA ASN A 193 -2.35 -5.36 -20.87
C ASN A 193 -1.92 -6.64 -21.58
N LEU A 194 -1.13 -6.49 -22.63
CA LEU A 194 -0.67 -7.64 -23.41
C LEU A 194 0.85 -7.78 -23.36
N GLU A 195 1.34 -8.45 -22.32
CA GLU A 195 2.78 -8.66 -22.14
C GLU A 195 3.10 -10.15 -21.99
N PRO B 35 25.50 -9.49 23.88
CA PRO B 35 25.42 -8.89 25.22
C PRO B 35 25.90 -7.44 25.13
N THR B 36 26.68 -7.16 24.09
CA THR B 36 27.20 -5.84 23.81
C THR B 36 26.78 -5.60 22.36
N GLY B 37 25.50 -5.84 22.15
CA GLY B 37 24.81 -5.68 20.89
C GLY B 37 23.42 -5.63 21.47
N ASP B 38 23.29 -6.34 22.58
CA ASP B 38 22.07 -6.43 23.35
C ASP B 38 22.01 -5.17 24.21
N ARG B 39 23.14 -4.45 24.24
CA ARG B 39 23.25 -3.22 25.02
C ARG B 39 22.51 -2.04 24.40
N VAL B 40 22.71 -1.81 23.11
CA VAL B 40 22.05 -0.70 22.44
C VAL B 40 20.54 -0.89 22.40
N LYS B 41 20.09 -2.10 22.10
CA LYS B 41 18.66 -2.35 22.04
C LYS B 41 18.07 -2.24 23.44
N GLU B 42 18.89 -2.57 24.43
CA GLU B 42 18.47 -2.50 25.83
C GLU B 42 18.10 -1.07 26.23
N THR B 43 19.00 -0.13 25.99
CA THR B 43 18.76 1.27 26.35
C THR B 43 17.62 1.81 25.49
N LEU B 44 17.44 1.22 24.30
CA LEU B 44 16.36 1.63 23.41
C LEU B 44 15.03 1.42 24.12
N PHE B 45 14.87 0.21 24.67
CA PHE B 45 13.64 -0.13 25.35
C PHE B 45 13.36 0.62 26.65
N ASN B 46 14.35 0.79 27.53
CA ASN B 46 14.01 1.52 28.73
C ASN B 46 13.84 3.01 28.43
N TRP B 47 14.33 3.44 27.27
CA TRP B 47 14.16 4.83 26.87
C TRP B 47 12.72 4.97 26.39
N LEU B 48 12.18 3.86 25.89
CA LEU B 48 10.82 3.82 25.37
C LEU B 48 9.75 3.57 26.42
N PRO B 50 8.41 4.97 28.92
CA PRO B 50 7.39 6.02 29.11
C PRO B 50 6.50 6.26 27.89
N TYR B 51 6.77 5.57 26.79
CA TYR B 51 5.99 5.80 25.58
C TYR B 51 5.55 4.54 24.84
N ILE B 52 6.15 3.41 25.17
CA ILE B 52 5.85 2.15 24.49
C ILE B 52 4.36 1.86 24.25
N HIS B 53 3.52 2.14 25.25
CA HIS B 53 2.09 1.88 25.11
C HIS B 53 1.40 2.58 23.95
N GLN B 54 1.92 3.73 23.54
CA GLN B 54 1.34 4.46 22.44
C GLN B 54 2.26 4.45 21.21
N SER B 55 3.22 3.55 21.19
CA SER B 55 4.17 3.48 20.07
C SER B 55 3.85 2.48 18.96
N GLU B 56 3.97 2.93 17.72
CA GLU B 56 3.74 2.07 16.58
C GLU B 56 5.12 1.74 16.03
N CYS B 57 5.39 0.45 15.91
CA CYS B 57 6.69 -0.02 15.47
C CYS B 57 6.76 -0.64 14.07
N LEU B 58 7.97 -0.64 13.52
CA LEU B 58 8.20 -1.22 12.22
C LEU B 58 9.44 -2.09 12.31
N ASP B 59 9.28 -3.40 12.15
CA ASP B 59 10.42 -4.30 12.16
C ASP B 59 10.66 -4.43 10.66
N GLY B 60 11.52 -3.57 10.12
CA GLY B 60 11.82 -3.55 8.69
C GLY B 60 12.11 -4.86 7.98
N PHE B 61 12.96 -5.68 8.57
CA PHE B 61 13.32 -6.97 7.99
C PHE B 61 13.12 -7.93 9.16
N ALA B 62 11.86 -8.26 9.40
CA ALA B 62 11.45 -9.13 10.50
C ALA B 62 12.28 -10.37 10.77
N GLY B 63 12.29 -11.31 9.82
CA GLY B 63 13.02 -12.53 10.05
C GLY B 63 12.32 -13.24 11.19
N SER B 64 13.05 -13.54 12.26
CA SER B 64 12.46 -14.20 13.41
C SER B 64 11.51 -13.28 14.18
N GLY B 65 11.53 -11.99 13.83
CA GLY B 65 10.66 -11.04 14.50
C GLY B 65 11.08 -10.78 15.93
N SER B 66 12.29 -11.19 16.26
CA SER B 66 12.85 -11.02 17.59
C SER B 66 12.63 -9.62 18.18
N LEU B 67 13.03 -8.59 17.46
CA LEU B 67 12.87 -7.23 17.95
C LEU B 67 11.40 -6.82 18.06
N GLY B 68 10.62 -7.20 17.05
CA GLY B 68 9.20 -6.88 17.04
C GLY B 68 8.42 -7.54 18.16
N PHE B 69 8.70 -8.81 18.43
CA PHE B 69 8.00 -9.50 19.50
C PHE B 69 8.35 -8.83 20.83
N GLU B 70 9.58 -8.37 20.93
CA GLU B 70 10.05 -7.69 22.13
C GLU B 70 9.15 -6.49 22.35
N ALA B 71 8.92 -5.72 21.30
CA ALA B 71 8.05 -4.55 21.38
C ALA B 71 6.64 -4.98 21.77
N LEU B 72 6.14 -6.06 21.16
CA LEU B 72 4.80 -6.54 21.47
C LEU B 72 4.77 -6.97 22.93
N SER B 73 5.81 -7.67 23.34
CA SER B 73 5.92 -8.16 24.71
C SER B 73 5.77 -7.00 25.70
N ARG B 74 6.15 -5.80 25.28
CA ARG B 74 6.04 -4.65 26.17
C ARG B 74 4.76 -3.91 25.86
N GLN B 75 3.90 -4.59 25.13
CA GLN B 75 2.61 -4.05 24.76
C GLN B 75 2.69 -2.71 24.03
N ALA B 76 3.41 -2.68 22.92
CA ALA B 76 3.51 -1.47 22.14
C ALA B 76 2.12 -1.28 21.53
N LYS B 77 1.82 -0.08 21.07
CA LYS B 77 0.52 0.17 20.47
C LYS B 77 0.37 -0.71 19.23
N LYS B 78 1.44 -0.84 18.47
CA LYS B 78 1.40 -1.65 17.27
C LYS B 78 2.77 -1.98 16.68
N VAL B 79 2.87 -3.17 16.11
CA VAL B 79 4.08 -3.63 15.47
C VAL B 79 3.69 -4.19 14.11
N THR B 80 4.34 -3.69 13.08
CA THR B 80 4.11 -4.13 11.72
C THR B 80 5.40 -4.84 11.36
N PHE B 81 5.28 -6.04 10.78
CA PHE B 81 6.45 -6.83 10.41
C PHE B 81 6.51 -6.93 8.90
N LEU B 82 7.65 -6.56 8.32
CA LEU B 82 7.84 -6.67 6.88
C LEU B 82 8.75 -7.85 6.61
N GLU B 83 8.27 -8.76 5.78
CA GLU B 83 9.03 -9.97 5.46
C GLU B 83 8.75 -10.41 4.04
N LEU B 84 9.80 -10.44 3.22
CA LEU B 84 9.72 -10.83 1.81
C LEU B 84 9.51 -12.33 1.63
N ASP B 85 10.21 -13.12 2.45
CA ASP B 85 10.13 -14.56 2.38
C ASP B 85 8.80 -15.03 2.97
N LYS B 86 7.95 -15.57 2.10
CA LYS B 86 6.63 -16.03 2.50
C LYS B 86 6.67 -17.07 3.60
N THR B 87 7.57 -18.04 3.48
CA THR B 87 7.67 -19.08 4.48
C THR B 87 7.77 -18.46 5.87
N VAL B 88 8.90 -17.80 6.15
CA VAL B 88 9.09 -17.16 7.45
C VAL B 88 7.99 -16.16 7.80
N ALA B 89 7.35 -15.59 6.79
CA ALA B 89 6.27 -14.64 7.02
C ALA B 89 5.09 -15.40 7.65
N ASN B 90 4.82 -16.60 7.14
CA ASN B 90 3.72 -17.38 7.69
C ASN B 90 4.08 -17.79 9.11
N GLN B 91 5.37 -18.04 9.35
CA GLN B 91 5.82 -18.41 10.69
C GLN B 91 5.44 -17.27 11.63
N LEU B 92 5.64 -16.04 11.17
CA LEU B 92 5.31 -14.87 11.97
C LEU B 92 3.82 -14.80 12.23
N LYS B 93 3.01 -14.89 11.19
CA LYS B 93 1.56 -14.85 11.35
C LYS B 93 1.08 -15.95 12.30
N LYS B 94 1.42 -17.19 11.98
CA LYS B 94 1.03 -18.31 12.82
C LYS B 94 1.44 -18.02 14.25
N ASN B 95 2.59 -17.39 14.40
CA ASN B 95 3.10 -17.08 15.72
C ASN B 95 2.32 -16.00 16.46
N LEU B 96 1.92 -14.95 15.75
CA LEU B 96 1.13 -13.88 16.36
C LEU B 96 -0.23 -14.48 16.70
N GLN B 97 -0.63 -15.44 15.88
CA GLN B 97 -1.90 -16.12 16.07
C GLN B 97 -1.69 -17.28 17.03
N THR B 98 -0.78 -17.08 17.98
CA THR B 98 -0.48 -18.09 18.99
C THR B 98 -0.30 -17.34 20.30
N LEU B 99 -0.20 -16.02 20.20
CA LEU B 99 -0.07 -15.16 21.34
C LEU B 99 -1.44 -14.50 21.50
N LYS B 100 -2.25 -14.68 20.46
CA LYS B 100 -3.61 -14.14 20.41
C LYS B 100 -3.59 -12.62 20.20
N CYS B 101 -2.55 -12.13 19.53
CA CYS B 101 -2.42 -10.71 19.27
C CYS B 101 -3.51 -10.20 18.33
N SER B 102 -4.24 -9.18 18.77
CA SER B 102 -5.30 -8.60 17.97
C SER B 102 -4.71 -8.11 16.64
N SER B 103 -5.56 -8.00 15.62
CA SER B 103 -5.12 -7.54 14.32
C SER B 103 -4.70 -6.07 14.36
N GLU B 104 -5.11 -5.37 15.42
CA GLU B 104 -4.76 -3.96 15.57
C GLU B 104 -3.51 -3.82 16.41
N GLN B 105 -3.04 -4.94 16.94
CA GLN B 105 -1.85 -4.96 17.78
C GLN B 105 -0.63 -5.34 16.97
N ALA B 106 -0.82 -6.23 16.00
CA ALA B 106 0.28 -6.69 15.18
C ALA B 106 -0.15 -7.07 13.79
N GLU B 107 0.65 -6.68 12.81
CA GLU B 107 0.37 -6.98 11.42
C GLU B 107 1.64 -7.46 10.71
N VAL B 108 1.45 -8.38 9.78
CA VAL B 108 2.55 -8.92 9.00
C VAL B 108 2.31 -8.60 7.54
N ILE B 109 3.24 -7.87 6.94
CA ILE B 109 3.12 -7.50 5.54
C ILE B 109 4.19 -8.24 4.75
N ASN B 110 3.74 -9.04 3.77
CA ASN B 110 4.64 -9.85 2.95
C ASN B 110 5.32 -9.06 1.81
N GLN B 111 6.28 -8.22 2.18
CA GLN B 111 7.03 -7.44 1.21
C GLN B 111 8.40 -7.12 1.74
N SER B 112 9.26 -6.66 0.84
CA SER B 112 10.58 -6.23 1.19
C SER B 112 10.36 -4.77 1.54
N SER B 113 10.96 -4.32 2.63
CA SER B 113 10.84 -2.92 3.04
C SER B 113 11.40 -2.03 1.95
N LEU B 114 12.35 -2.55 1.18
CA LEU B 114 12.95 -1.77 0.11
C LEU B 114 11.89 -1.33 -0.89
N ASP B 115 10.88 -2.17 -1.11
CA ASP B 115 9.80 -1.83 -2.02
C ASP B 115 8.63 -1.17 -1.30
N PHE B 116 8.24 -1.75 -0.16
CA PHE B 116 7.12 -1.26 0.62
C PHE B 116 7.23 0.23 0.92
N LEU B 117 8.40 0.63 1.41
CA LEU B 117 8.65 2.01 1.78
C LEU B 117 8.72 3.00 0.63
N LYS B 118 8.57 2.53 -0.60
CA LYS B 118 8.63 3.43 -1.75
C LYS B 118 7.29 4.15 -1.94
N GLN B 119 6.31 3.78 -1.14
CA GLN B 119 4.97 4.37 -1.21
C GLN B 119 4.86 5.60 -0.30
N PRO B 120 4.68 6.80 -0.89
CA PRO B 120 4.56 8.05 -0.11
C PRO B 120 3.35 8.04 0.80
N GLN B 121 3.58 8.27 2.08
CA GLN B 121 2.49 8.26 3.05
C GLN B 121 1.90 9.63 3.33
N ASN B 122 0.58 9.67 3.48
CA ASN B 122 -0.11 10.93 3.75
C ASN B 122 0.25 11.40 5.13
N GLN B 123 0.54 10.46 6.01
CA GLN B 123 0.94 10.79 7.37
C GLN B 123 1.79 9.70 7.97
N PRO B 124 2.71 10.07 8.87
CA PRO B 124 3.63 9.18 9.57
C PRO B 124 2.93 7.98 10.17
N HIS B 125 3.63 6.85 10.22
CA HIS B 125 3.08 5.63 10.79
C HIS B 125 3.87 5.17 12.01
N PHE B 126 5.18 5.37 11.98
CA PHE B 126 5.97 4.85 13.06
C PHE B 126 6.74 5.74 14.01
N ASP B 127 6.73 5.31 15.27
CA ASP B 127 7.43 5.97 16.36
C ASP B 127 8.74 5.23 16.59
N VAL B 128 8.80 3.98 16.15
CA VAL B 128 9.98 3.15 16.32
C VAL B 128 10.23 2.25 15.10
N VAL B 129 11.46 2.25 14.62
CA VAL B 129 11.81 1.41 13.47
C VAL B 129 13.07 0.60 13.73
N PHE B 130 13.00 -0.69 13.44
CA PHE B 130 14.12 -1.61 13.60
C PHE B 130 14.64 -2.00 12.22
N LEU B 131 15.90 -1.67 11.93
CA LEU B 131 16.48 -2.00 10.63
C LEU B 131 17.73 -2.86 10.80
N ASP B 132 17.59 -4.16 10.55
CA ASP B 132 18.71 -5.08 10.67
C ASP B 132 18.85 -5.99 9.44
N PRO B 133 18.85 -5.42 8.24
CA PRO B 133 19.01 -6.25 7.05
C PRO B 133 20.45 -6.74 6.88
N PRO B 134 20.69 -7.63 5.91
CA PRO B 134 22.05 -8.14 5.67
C PRO B 134 22.98 -6.96 5.40
N PHE B 135 24.24 -7.09 5.80
CA PHE B 135 25.23 -6.01 5.70
C PHE B 135 25.81 -5.66 4.35
N HIS B 136 25.68 -6.47 3.29
CA HIS B 136 26.49 -5.71 2.37
C HIS B 136 26.04 -4.93 1.16
N PHE B 137 24.68 -4.57 1.08
CA PHE B 137 24.40 -3.75 -0.09
C PHE B 137 23.78 -2.36 0.06
N ASN B 138 24.23 -1.68 1.09
CA ASN B 138 23.65 -0.39 1.44
C ASN B 138 22.13 -0.63 1.67
N LEU B 139 21.72 -1.82 2.13
CA LEU B 139 20.27 -2.05 2.37
C LEU B 139 19.66 -1.19 3.45
N ALA B 140 20.31 -1.16 4.61
CA ALA B 140 19.82 -0.37 5.73
C ALA B 140 19.83 1.08 5.29
N GLU B 141 20.84 1.50 4.52
CA GLU B 141 20.95 2.86 4.04
C GLU B 141 19.85 3.22 3.05
N GLN B 142 19.41 2.25 2.25
CA GLN B 142 18.34 2.52 1.29
C GLN B 142 17.02 2.70 2.03
N ALA B 143 16.79 1.85 3.02
CA ALA B 143 15.58 1.92 3.82
C ALA B 143 15.50 3.28 4.51
N ILE B 144 16.65 3.71 5.04
CA ILE B 144 16.71 5.00 5.74
C ILE B 144 16.28 6.16 4.86
N SER B 145 16.85 6.26 3.66
CA SER B 145 16.47 7.36 2.78
C SER B 145 14.99 7.30 2.45
N LEU B 146 14.44 6.11 2.29
CA LEU B 146 13.03 5.95 1.99
C LEU B 146 12.15 6.40 3.16
N LEU B 147 12.51 6.00 4.38
CA LEU B 147 11.76 6.41 5.56
C LEU B 147 11.62 7.93 5.57
N CYS B 148 12.72 8.61 5.30
CA CYS B 148 12.74 10.08 5.28
C CYS B 148 12.04 10.67 4.07
N GLU B 149 12.34 10.13 2.90
CA GLU B 149 11.76 10.62 1.65
C GLU B 149 10.26 10.46 1.57
N ASN B 150 9.71 9.38 2.15
CA ASN B 150 8.28 9.13 2.03
C ASN B 150 7.33 9.31 3.22
N ASN B 151 7.70 10.18 4.17
CA ASN B 151 6.83 10.52 5.29
C ASN B 151 6.41 9.37 6.20
N TRP B 152 7.30 8.42 6.48
CA TRP B 152 6.94 7.29 7.33
C TRP B 152 7.10 7.52 8.82
N LEU B 153 8.04 8.38 9.19
CA LEU B 153 8.33 8.63 10.60
C LEU B 153 7.57 9.74 11.30
N LYS B 154 7.11 9.44 12.50
CA LYS B 154 6.41 10.41 13.31
C LYS B 154 7.51 11.24 13.97
N PRO B 155 7.23 12.51 14.31
CA PRO B 155 8.32 13.27 14.93
C PRO B 155 8.87 12.54 16.16
N ASN B 156 10.16 12.68 16.41
CA ASN B 156 10.80 12.05 17.58
C ASN B 156 10.96 10.54 17.51
N ALA B 157 10.65 9.95 16.35
CA ALA B 157 10.78 8.52 16.20
C ALA B 157 12.21 8.07 16.47
N LEU B 158 12.36 6.87 17.02
CA LEU B 158 13.68 6.29 17.30
C LEU B 158 13.94 5.25 16.22
N ILE B 159 15.14 5.25 15.67
CA ILE B 159 15.50 4.29 14.62
C ILE B 159 16.71 3.48 15.06
N TYR B 160 16.52 2.17 15.15
CA TYR B 160 17.58 1.26 15.54
C TYR B 160 18.14 0.62 14.28
N VAL B 161 19.46 0.69 14.13
CA VAL B 161 20.11 0.14 12.94
C VAL B 161 21.36 -0.68 13.24
N GLU B 162 21.44 -1.84 12.59
CA GLU B 162 22.58 -2.73 12.73
C GLU B 162 23.27 -2.64 11.37
N THR B 163 24.58 -2.48 11.38
CA THR B 163 25.32 -2.30 10.14
C THR B 163 26.74 -2.84 10.22
N GLU B 164 27.34 -3.15 9.07
CA GLU B 164 28.71 -3.65 9.03
C GLU B 164 29.63 -2.56 9.57
N LYS B 165 30.54 -2.92 10.46
CA LYS B 165 31.47 -1.95 11.03
C LYS B 165 32.35 -1.32 9.95
N ASP B 166 32.92 -0.17 10.27
CA ASP B 166 33.80 0.54 9.35
C ASP B 166 33.08 0.85 8.03
N LYS B 167 31.76 0.74 8.03
CA LYS B 167 30.96 1.03 6.86
C LYS B 167 30.20 2.31 7.21
N PRO B 168 30.88 3.45 7.13
CA PRO B 168 30.31 4.77 7.44
C PRO B 168 28.87 4.98 6.99
N LEU B 169 28.04 5.40 7.93
CA LEU B 169 26.63 5.71 7.65
C LEU B 169 26.43 7.14 8.12
N ILE B 170 26.01 7.99 7.20
CA ILE B 170 25.80 9.39 7.52
C ILE B 170 24.43 9.66 8.11
N THR B 171 24.42 10.44 9.19
CA THR B 171 23.20 10.81 9.87
C THR B 171 22.42 11.80 9.02
N PRO B 172 21.23 11.40 8.54
CA PRO B 172 20.46 12.34 7.71
C PRO B 172 20.34 13.65 8.47
N GLU B 173 20.38 14.77 7.76
CA GLU B 173 20.32 16.09 8.37
C GLU B 173 19.33 16.22 9.53
N ASN B 174 18.11 15.74 9.32
CA ASN B 174 17.06 15.81 10.35
C ASN B 174 17.14 14.79 11.49
N TRP B 175 18.12 13.90 11.44
CA TRP B 175 18.27 12.88 12.49
C TRP B 175 19.41 13.20 13.44
N THR B 176 19.43 12.54 14.58
CA THR B 176 20.52 12.73 15.54
C THR B 176 20.92 11.37 16.08
N LEU B 177 22.22 11.09 16.03
CA LEU B 177 22.78 9.83 16.51
C LEU B 177 22.83 9.90 18.02
N LEU B 178 22.12 9.02 18.71
CA LEU B 178 22.11 9.05 20.16
C LEU B 178 23.00 7.98 20.78
N LYS B 179 23.12 6.85 20.10
CA LYS B 179 23.92 5.73 20.58
C LYS B 179 24.58 5.02 19.41
N GLU B 180 25.85 4.66 19.56
CA GLU B 180 26.61 3.97 18.52
C GLU B 180 27.69 3.09 19.13
N LYS B 181 27.46 1.78 19.11
CA LYS B 181 28.43 0.84 19.67
C LYS B 181 28.87 -0.16 18.61
N THR B 182 30.17 -0.40 18.53
CA THR B 182 30.73 -1.33 17.56
C THR B 182 31.38 -2.52 18.26
N THR B 183 30.84 -3.71 18.02
CA THR B 183 31.37 -4.93 18.61
C THR B 183 31.35 -5.99 17.52
N GLY B 184 32.43 -6.77 17.45
CA GLY B 184 32.49 -7.79 16.42
C GLY B 184 32.70 -7.09 15.10
N ILE B 185 31.87 -7.41 14.11
CA ILE B 185 31.97 -6.76 12.80
C ILE B 185 30.72 -5.94 12.56
N VAL B 186 29.94 -5.73 13.62
CA VAL B 186 28.70 -4.98 13.50
C VAL B 186 28.67 -3.70 14.32
N SER B 187 28.16 -2.65 13.68
CA SER B 187 28.04 -1.36 14.33
C SER B 187 26.56 -1.13 14.63
N TYR B 188 26.23 -0.95 15.91
CA TYR B 188 24.85 -0.72 16.32
C TYR B 188 24.60 0.76 16.57
N ARG B 189 23.49 1.26 16.03
CA ARG B 189 23.15 2.67 16.18
C ARG B 189 21.72 2.96 16.58
N LEU B 190 21.53 4.14 17.15
CA LEU B 190 20.22 4.59 17.58
C LEU B 190 20.12 6.05 17.16
N TYR B 191 19.23 6.34 16.23
CA TYR B 191 19.01 7.70 15.77
C TYR B 191 17.65 8.18 16.20
N GLN B 192 17.47 9.49 16.20
CA GLN B 192 16.17 10.03 16.53
C GLN B 192 15.76 11.04 15.47
N ASN B 193 14.54 10.87 14.99
CA ASN B 193 13.96 11.75 13.98
C ASN B 193 13.54 13.05 14.69
N LEU B 194 14.39 14.06 14.60
CA LEU B 194 14.11 15.34 15.24
C LEU B 194 13.62 16.29 14.17
N GLU B 195 12.53 15.91 13.52
CA GLU B 195 11.91 16.68 12.44
C GLU B 195 12.50 16.29 11.07
#